data_6F6K
#
_entry.id   6F6K
#
_cell.length_a   160.612
_cell.length_b   55.655
_cell.length_c   70.075
_cell.angle_alpha   90.00
_cell.angle_beta   114.16
_cell.angle_gamma   90.00
#
_symmetry.space_group_name_H-M   'C 1 2 1'
#
loop_
_entity.id
_entity.type
_entity.pdbx_description
1 polymer 'Ribonucleotide reductase small subunit'
2 non-polymer 'MANGANESE (II) ION'
3 non-polymer 'FE (II) ION'
4 non-polymer 'LAURIC ACID'
5 water water
#
_entity_poly.entity_id   1
_entity_poly.type   'polypeptide(L)'
_entity_poly.pdbx_seq_one_letter_code
;MAHHHHHHVDDDDKMVHHDGFQTVKATIDWEHPMFKLYEKAKRNGKWNPADIDFSQDQKDFASLTSEEKISALPLVAGFS
AGEEALTLDILPMAHALARQGRLEDVLFLTTFMHDEAKHVEMFSRWQQAVGIGQMDLSVFHNDHYKRIFYEALPEAMNRL
YADDSPEAVIRAATVYNMIVEGTLAESGYYTFRQIYKKAGLFPGLLQGIDYLNMDEGRHIQFGIYTIQRIVNEDERYYEL
FIRYMDELWPHVIGYVDYLTELGKRQQQLARTYALEIDYDLLRHYVIKQFNLRKKQISRTKRVDVVEGLEKTAAES
;
_entity_poly.pdbx_strand_id   A,B
#
# COMPACT_ATOMS: atom_id res chain seq x y z
N HIS A 17 -4.59 -10.71 -17.11
CA HIS A 17 -3.50 -10.53 -18.04
C HIS A 17 -3.16 -9.06 -18.14
N HIS A 18 -1.89 -8.75 -18.32
CA HIS A 18 -1.48 -7.39 -18.60
C HIS A 18 -1.42 -7.18 -20.10
N ASP A 19 -2.16 -6.18 -20.60
CA ASP A 19 -2.13 -5.85 -22.03
C ASP A 19 -0.77 -5.30 -22.41
N GLY A 20 -0.20 -4.51 -21.53
CA GLY A 20 1.11 -3.93 -21.69
C GLY A 20 1.38 -3.11 -20.46
N PHE A 21 2.40 -2.26 -20.51
CA PHE A 21 2.75 -1.48 -19.33
C PHE A 21 3.01 -0.01 -19.71
N GLN A 22 2.42 0.88 -18.95
CA GLN A 22 2.54 2.31 -19.24
C GLN A 22 4.02 2.76 -19.24
N THR A 23 4.83 2.30 -18.28
CA THR A 23 6.23 2.76 -18.16
C THR A 23 7.20 2.01 -19.07
N VAL A 24 6.70 1.15 -19.97
CA VAL A 24 7.48 0.62 -21.07
C VAL A 24 7.07 1.24 -22.41
N LYS A 25 5.79 1.55 -22.58
CA LYS A 25 5.28 2.19 -23.80
C LYS A 25 5.46 3.69 -23.73
N ALA A 26 5.45 4.23 -22.52
CA ALA A 26 5.60 5.66 -22.31
C ALA A 26 6.25 5.92 -20.95
N THR A 27 5.65 6.77 -20.13
CA THR A 27 6.12 7.03 -18.78
C THR A 27 4.91 7.28 -17.91
N ILE A 28 5.16 7.37 -16.60
CA ILE A 28 4.22 8.03 -15.71
C ILE A 28 3.76 9.37 -16.28
N ASP A 29 2.45 9.67 -16.15
CA ASP A 29 1.92 11.02 -16.36
C ASP A 29 2.41 11.97 -15.27
N TRP A 30 3.57 12.59 -15.47
CA TRP A 30 4.16 13.40 -14.40
C TRP A 30 3.26 14.56 -13.96
N GLU A 31 2.32 15.00 -14.78
CA GLU A 31 1.50 16.15 -14.42
C GLU A 31 0.14 15.74 -13.85
N HIS A 32 -0.11 14.46 -13.72
CA HIS A 32 -1.39 14.02 -13.19
C HIS A 32 -1.58 14.51 -11.75
N PRO A 33 -2.79 14.96 -11.39
CA PRO A 33 -3.03 15.41 -10.01
C PRO A 33 -2.72 14.37 -8.95
N MET A 34 -3.00 13.09 -9.20
CA MET A 34 -2.70 12.09 -8.20
C MET A 34 -1.21 11.78 -8.11
N PHE A 35 -0.44 11.97 -9.19
CA PHE A 35 1.01 11.83 -9.06
C PHE A 35 1.60 12.99 -8.27
N LYS A 36 1.01 14.17 -8.43
CA LYS A 36 1.46 15.32 -7.67
C LYS A 36 1.15 15.13 -6.20
N LEU A 37 -0.01 14.50 -5.92
CA LEU A 37 -0.36 14.19 -4.55
C LEU A 37 0.57 13.12 -4.01
N TYR A 38 0.90 12.10 -4.84
CA TYR A 38 1.87 11.07 -4.49
C TYR A 38 3.21 11.69 -4.11
N GLU A 39 3.68 12.63 -4.93
CA GLU A 39 4.96 13.30 -4.67
C GLU A 39 4.93 14.02 -3.35
N LYS A 40 3.79 14.60 -3.04
CA LYS A 40 3.65 15.35 -1.80
C LYS A 40 3.59 14.39 -0.61
N ALA A 41 2.90 13.25 -0.78
CA ALA A 41 2.80 12.28 0.29
C ALA A 41 4.17 11.81 0.73
N LYS A 42 5.08 11.55 -0.21
CA LYS A 42 6.42 11.10 0.15
C LYS A 42 7.18 12.18 0.92
N ARG A 43 7.16 13.41 0.40
CA ARG A 43 7.75 14.56 1.11
C ARG A 43 7.24 14.68 2.54
N ASN A 44 5.92 14.59 2.73
CA ASN A 44 5.25 15.06 3.94
C ASN A 44 4.76 13.92 4.81
N GLY A 45 5.14 12.68 4.51
CA GLY A 45 4.59 11.53 5.21
C GLY A 45 5.65 10.67 5.86
N LYS A 46 6.61 11.29 6.52
CA LYS A 46 7.74 10.53 7.00
C LYS A 46 7.58 10.10 8.45
N TRP A 47 6.60 10.64 9.18
CA TRP A 47 6.50 10.36 10.59
C TRP A 47 6.40 8.86 10.86
N ASN A 48 6.90 8.45 12.01
CA ASN A 48 6.88 7.07 12.42
C ASN A 48 6.26 6.97 13.81
N PRO A 49 5.12 6.29 13.97
CA PRO A 49 4.50 6.23 15.30
C PRO A 49 5.39 5.56 16.34
N ALA A 50 6.37 4.79 15.89
CA ALA A 50 7.29 4.15 16.81
C ALA A 50 8.14 5.19 17.54
N ASP A 51 8.34 6.36 16.94
CA ASP A 51 9.15 7.42 17.55
C ASP A 51 8.38 8.25 18.57
N ILE A 52 7.05 8.16 18.63
CA ILE A 52 6.31 8.98 19.60
C ILE A 52 6.62 8.44 20.99
N ASP A 53 6.88 9.35 21.91
CA ASP A 53 7.09 8.99 23.29
C ASP A 53 5.72 9.01 23.95
N PHE A 54 5.30 7.86 24.48
CA PHE A 54 4.02 7.74 25.16
C PHE A 54 4.16 7.64 26.67
N SER A 55 5.38 7.82 27.21
CA SER A 55 5.61 7.55 28.64
C SER A 55 4.72 8.41 29.52
N GLN A 56 4.51 9.67 29.14
CA GLN A 56 3.65 10.57 29.91
C GLN A 56 2.16 10.25 29.74
N ASP A 57 1.74 9.75 28.58
CA ASP A 57 0.35 9.33 28.41
C ASP A 57 -0.01 8.23 29.41
N GLN A 58 0.90 7.26 29.58
CA GLN A 58 0.77 6.27 30.63
C GLN A 58 0.52 6.95 31.98
N LYS A 59 1.42 7.84 32.37
CA LYS A 59 1.27 8.49 33.67
C LYS A 59 -0.02 9.27 33.76
N ASP A 60 -0.34 10.06 32.73
CA ASP A 60 -1.60 10.82 32.74
C ASP A 60 -2.76 9.88 32.92
N PHE A 61 -2.78 8.78 32.17
CA PHE A 61 -3.93 7.88 32.25
C PHE A 61 -4.03 7.26 33.64
N ALA A 62 -2.89 6.85 34.22
CA ALA A 62 -2.91 6.32 35.59
C ALA A 62 -3.37 7.37 36.59
N SER A 63 -3.03 8.63 36.35
CA SER A 63 -3.46 9.66 37.29
C SER A 63 -4.97 9.85 37.25
N LEU A 64 -5.64 9.36 36.22
CA LEU A 64 -7.07 9.58 36.11
C LEU A 64 -7.82 8.72 37.11
N THR A 65 -8.96 9.23 37.56
CA THR A 65 -9.86 8.38 38.31
C THR A 65 -10.51 7.38 37.36
N SER A 66 -11.00 6.29 37.96
CA SER A 66 -11.62 5.23 37.17
C SER A 66 -12.71 5.80 36.27
N GLU A 67 -13.44 6.83 36.74
CA GLU A 67 -14.50 7.43 35.94
C GLU A 67 -13.94 8.28 34.81
N GLU A 68 -12.88 9.04 35.10
CA GLU A 68 -12.20 9.79 34.06
C GLU A 68 -11.63 8.84 33.02
N LYS A 69 -11.09 7.71 33.45
CA LYS A 69 -10.51 6.76 32.52
C LYS A 69 -11.53 6.33 31.46
N ILE A 70 -12.76 5.99 31.88
CA ILE A 70 -13.73 5.46 30.91
C ILE A 70 -14.27 6.55 30.01
N SER A 71 -14.10 7.82 30.38
CA SER A 71 -14.56 8.92 29.53
C SER A 71 -13.74 9.01 28.25
N ALA A 72 -12.48 8.58 28.30
CA ALA A 72 -11.60 8.63 27.12
C ALA A 72 -11.80 7.44 26.18
N LEU A 73 -12.26 6.33 26.68
CA LEU A 73 -12.14 5.11 25.92
C LEU A 73 -13.04 5.02 24.69
N PRO A 74 -14.27 5.55 24.73
CA PRO A 74 -15.16 5.38 23.56
C PRO A 74 -14.61 6.02 22.31
N LEU A 75 -14.04 7.20 22.46
CA LEU A 75 -13.46 7.87 21.30
C LEU A 75 -12.28 7.10 20.77
N VAL A 76 -11.48 6.53 21.69
CA VAL A 76 -10.33 5.71 21.30
C VAL A 76 -10.82 4.40 20.66
N ALA A 77 -11.91 3.84 21.19
CA ALA A 77 -12.53 2.68 20.56
C ALA A 77 -12.97 2.98 19.14
N GLY A 78 -13.62 4.13 18.94
CA GLY A 78 -14.00 4.53 17.60
C GLY A 78 -12.81 4.69 16.66
N PHE A 79 -11.72 5.28 17.16
CA PHE A 79 -10.56 5.54 16.31
C PHE A 79 -9.85 4.25 15.96
N SER A 80 -9.66 3.37 16.93
CA SER A 80 -8.78 2.24 16.67
C SER A 80 -9.42 1.33 15.63
N ALA A 81 -10.70 1.03 15.82
CA ALA A 81 -11.45 0.25 14.84
C ALA A 81 -11.56 0.98 13.52
N GLY A 82 -11.78 2.30 13.57
CA GLY A 82 -11.97 3.00 12.33
C GLY A 82 -10.73 2.93 11.42
N GLU A 83 -9.55 3.17 12.00
CA GLU A 83 -8.30 3.10 11.25
C GLU A 83 -8.01 1.68 10.78
N GLU A 84 -8.36 0.69 11.58
CA GLU A 84 -8.26 -0.69 11.14
C GLU A 84 -9.12 -0.93 9.90
N ALA A 85 -10.43 -0.62 10.00
CA ALA A 85 -11.33 -0.72 8.85
C ALA A 85 -10.81 0.02 7.64
N LEU A 86 -10.33 1.25 7.85
CA LEU A 86 -9.80 2.10 6.79
C LEU A 86 -8.56 1.48 6.12
N THR A 87 -7.68 0.87 6.90
CA THR A 87 -6.54 0.16 6.31
C THR A 87 -6.99 -1.03 5.45
N LEU A 88 -7.86 -1.87 5.98
CA LEU A 88 -8.34 -3.01 5.21
C LEU A 88 -9.13 -2.53 3.97
N ASP A 89 -9.91 -1.46 4.11
CA ASP A 89 -11.03 -1.25 3.19
C ASP A 89 -10.69 -0.32 2.03
N ILE A 90 -9.47 0.24 2.00
CA ILE A 90 -9.04 0.96 0.81
C ILE A 90 -8.56 0.01 -0.27
N LEU A 91 -8.26 -1.25 0.06
CA LEU A 91 -7.63 -2.11 -0.95
C LEU A 91 -8.48 -2.29 -2.20
N PRO A 92 -9.81 -2.45 -2.12
CA PRO A 92 -10.58 -2.62 -3.35
C PRO A 92 -10.57 -1.38 -4.22
N MET A 93 -10.44 -0.20 -3.64
CA MET A 93 -10.32 0.99 -4.46
C MET A 93 -8.99 0.95 -5.21
N ALA A 94 -7.92 0.58 -4.52
CA ALA A 94 -6.64 0.41 -5.20
C ALA A 94 -6.78 -0.54 -6.38
N HIS A 95 -7.41 -1.70 -6.15
CA HIS A 95 -7.56 -2.71 -7.19
C HIS A 95 -8.34 -2.17 -8.38
N ALA A 96 -9.49 -1.55 -8.12
CA ALA A 96 -10.37 -1.17 -9.22
C ALA A 96 -9.73 -0.08 -10.07
N LEU A 97 -9.08 0.89 -9.43
CA LEU A 97 -8.38 1.91 -10.21
C LEU A 97 -7.18 1.32 -10.91
N ALA A 98 -6.56 0.32 -10.31
CA ALA A 98 -5.48 -0.33 -11.01
C ALA A 98 -6.00 -1.03 -12.24
N ARG A 99 -7.16 -1.68 -12.10
CA ARG A 99 -7.75 -2.41 -13.20
C ARG A 99 -8.16 -1.45 -14.29
N GLN A 100 -8.54 -0.24 -13.95
CA GLN A 100 -8.86 0.74 -14.98
C GLN A 100 -7.61 1.39 -15.57
N GLY A 101 -6.40 0.98 -15.16
CA GLY A 101 -5.20 1.56 -15.71
C GLY A 101 -4.78 2.89 -15.12
N ARG A 102 -5.37 3.32 -14.00
CA ARG A 102 -5.07 4.64 -13.43
C ARG A 102 -3.84 4.53 -12.51
N LEU A 103 -2.70 4.32 -13.17
CA LEU A 103 -1.46 4.03 -12.48
C LEU A 103 -1.09 5.09 -11.45
N GLU A 104 -1.29 6.36 -11.79
CA GLU A 104 -0.86 7.42 -10.88
C GLU A 104 -1.70 7.44 -9.62
N ASP A 105 -3.00 7.18 -9.76
CA ASP A 105 -3.88 6.93 -8.62
C ASP A 105 -3.36 5.79 -7.73
N VAL A 106 -2.96 4.69 -8.36
CA VAL A 106 -2.45 3.55 -7.62
C VAL A 106 -1.18 3.96 -6.84
N LEU A 107 -0.25 4.62 -7.51
CA LEU A 107 0.94 5.10 -6.82
C LEU A 107 0.56 5.91 -5.62
N PHE A 108 -0.34 6.87 -5.79
CA PHE A 108 -0.77 7.64 -4.62
C PHE A 108 -1.38 6.72 -3.57
N LEU A 109 -2.25 5.81 -4.00
CA LEU A 109 -2.95 4.98 -3.04
C LEU A 109 -2.00 4.11 -2.25
N THR A 110 -0.78 3.86 -2.71
CA THR A 110 0.16 3.18 -1.83
C THR A 110 0.52 4.06 -0.64
N THR A 111 0.59 5.39 -0.81
CA THR A 111 0.89 6.22 0.35
C THR A 111 -0.34 6.40 1.23
N PHE A 112 -1.52 6.37 0.61
CA PHE A 112 -2.74 6.39 1.38
C PHE A 112 -2.79 5.15 2.30
N MET A 113 -2.53 3.98 1.76
CA MET A 113 -2.66 2.76 2.55
CA MET A 113 -2.68 2.77 2.57
C MET A 113 -1.61 2.69 3.65
N HIS A 114 -0.38 3.11 3.33
CA HIS A 114 0.64 3.07 4.35
C HIS A 114 0.32 4.08 5.44
N ASP A 115 -0.24 5.25 5.08
CA ASP A 115 -0.72 6.17 6.12
C ASP A 115 -1.69 5.47 7.07
N GLU A 116 -2.73 4.83 6.52
CA GLU A 116 -3.74 4.25 7.40
C GLU A 116 -3.10 3.25 8.34
N ALA A 117 -2.17 2.45 7.83
CA ALA A 117 -1.46 1.50 8.69
C ALA A 117 -0.79 2.22 9.85
N LYS A 118 -0.05 3.29 9.56
CA LYS A 118 0.53 4.09 10.66
C LYS A 118 -0.56 4.61 11.60
N HIS A 119 -1.74 4.93 11.09
CA HIS A 119 -2.78 5.41 11.97
C HIS A 119 -3.26 4.33 12.92
N VAL A 120 -3.53 3.14 12.41
CA VAL A 120 -3.91 2.03 13.28
C VAL A 120 -2.81 1.72 14.26
N GLU A 121 -1.56 1.70 13.75
CA GLU A 121 -0.41 1.42 14.60
C GLU A 121 -0.33 2.40 15.78
N MET A 122 -0.56 3.68 15.52
CA MET A 122 -0.44 4.71 16.57
C MET A 122 -1.43 4.45 17.70
N PHE A 123 -2.71 4.28 17.38
CA PHE A 123 -3.68 4.11 18.44
C PHE A 123 -3.48 2.83 19.21
N SER A 124 -2.95 1.79 18.54
CA SER A 124 -2.71 0.53 19.24
C SER A 124 -1.55 0.65 20.21
N ARG A 125 -0.48 1.32 19.80
CA ARG A 125 0.63 1.63 20.69
C ARG A 125 0.17 2.44 21.88
N TRP A 126 -0.67 3.46 21.64
CA TRP A 126 -1.21 4.24 22.76
C TRP A 126 -1.97 3.36 23.75
N GLN A 127 -2.87 2.51 23.26
CA GLN A 127 -3.58 1.56 24.14
C GLN A 127 -2.60 0.66 24.88
N GLN A 128 -1.59 0.16 24.18
CA GLN A 128 -0.59 -0.67 24.82
C GLN A 128 0.14 0.09 25.92
N ALA A 129 0.50 1.34 25.63
CA ALA A 129 1.36 2.08 26.56
C ALA A 129 0.61 2.53 27.80
N VAL A 130 -0.68 2.85 27.68
CA VAL A 130 -1.41 3.32 28.83
C VAL A 130 -2.01 2.16 29.61
N GLY A 131 -1.90 0.94 29.09
CA GLY A 131 -2.28 -0.21 29.85
C GLY A 131 -3.70 -0.67 29.65
N ILE A 132 -4.35 -0.30 28.53
CA ILE A 132 -5.70 -0.78 28.23
C ILE A 132 -5.70 -1.75 27.06
N GLY A 133 -4.54 -2.28 26.67
CA GLY A 133 -4.47 -3.13 25.50
C GLY A 133 -5.24 -4.42 25.71
N GLN A 134 -5.25 -4.93 26.93
CA GLN A 134 -5.94 -6.17 27.22
C GLN A 134 -7.43 -5.98 27.27
N MET A 135 -7.91 -4.76 27.13
CA MET A 135 -9.32 -4.46 27.33
C MET A 135 -10.05 -4.38 26.00
N ASP A 136 -11.13 -5.14 25.87
CA ASP A 136 -11.96 -5.13 24.67
C ASP A 136 -12.86 -3.88 24.65
N LEU A 137 -12.52 -2.92 23.80
CA LEU A 137 -13.26 -1.66 23.67
C LEU A 137 -14.45 -1.74 22.67
N SER A 138 -14.80 -2.93 22.17
CA SER A 138 -15.98 -3.03 21.28
C SER A 138 -17.24 -2.56 21.97
N VAL A 139 -17.28 -2.67 23.30
CA VAL A 139 -18.47 -2.27 24.01
C VAL A 139 -18.88 -0.85 23.67
N PHE A 140 -17.95 -0.01 23.21
CA PHE A 140 -18.27 1.37 22.87
C PHE A 140 -18.63 1.57 21.42
N HIS A 141 -18.81 0.51 20.65
CA HIS A 141 -19.44 0.63 19.34
C HIS A 141 -20.94 0.35 19.47
N ASN A 142 -21.77 1.36 19.22
CA ASN A 142 -23.21 1.15 19.23
C ASN A 142 -23.70 0.66 17.86
N ASP A 143 -25.01 0.47 17.73
CA ASP A 143 -25.56 -0.02 16.47
C ASP A 143 -25.25 0.94 15.30
N HIS A 144 -25.26 2.25 15.53
CA HIS A 144 -24.98 3.17 14.44
C HIS A 144 -23.53 3.10 13.98
N TYR A 145 -22.60 2.97 14.93
CA TYR A 145 -21.20 2.80 14.54
C TYR A 145 -21.03 1.49 13.78
N LYS A 146 -21.64 0.40 14.24
CA LYS A 146 -21.49 -0.85 13.52
C LYS A 146 -22.07 -0.75 12.12
N ARG A 147 -23.22 -0.07 11.97
CA ARG A 147 -23.81 0.09 10.63
C ARG A 147 -22.81 0.69 9.65
N ILE A 148 -22.02 1.66 10.11
CA ILE A 148 -21.08 2.33 9.21
C ILE A 148 -19.84 1.48 9.02
N PHE A 149 -19.18 1.10 10.11
CA PHE A 149 -17.82 0.60 10.03
C PHE A 149 -17.75 -0.92 9.91
N TYR A 150 -18.68 -1.65 10.50
CA TYR A 150 -18.64 -3.10 10.37
C TYR A 150 -19.30 -3.54 9.09
N GLU A 151 -20.25 -2.74 8.56
CA GLU A 151 -21.13 -3.13 7.46
C GLU A 151 -21.04 -2.25 6.23
N ALA A 152 -21.41 -0.98 6.31
CA ALA A 152 -21.58 -0.16 5.11
C ALA A 152 -20.26 0.17 4.42
N LEU A 153 -19.23 0.52 5.21
CA LEU A 153 -17.92 0.79 4.60
C LEU A 153 -17.40 -0.43 3.86
N PRO A 154 -17.29 -1.60 4.49
CA PRO A 154 -16.72 -2.74 3.78
C PRO A 154 -17.61 -3.22 2.63
N GLU A 155 -18.94 -3.11 2.74
CA GLU A 155 -19.82 -3.42 1.61
C GLU A 155 -19.52 -2.50 0.44
N ALA A 156 -19.42 -1.19 0.71
CA ALA A 156 -19.22 -0.22 -0.37
C ALA A 156 -17.90 -0.47 -1.09
N MET A 157 -16.85 -0.81 -0.34
CA MET A 157 -15.53 -0.94 -0.91
C MET A 157 -15.42 -2.25 -1.68
N ASN A 158 -15.90 -3.35 -1.05
CA ASN A 158 -15.76 -4.67 -1.66
C ASN A 158 -16.56 -4.80 -2.93
N ARG A 159 -17.69 -4.09 -3.03
CA ARG A 159 -18.46 -3.98 -4.26
C ARG A 159 -17.54 -3.78 -5.46
N LEU A 160 -16.47 -2.99 -5.29
CA LEU A 160 -15.66 -2.61 -6.43
C LEU A 160 -14.96 -3.80 -7.08
N TYR A 161 -14.82 -4.92 -6.37
CA TYR A 161 -14.20 -6.09 -7.00
C TYR A 161 -15.03 -6.62 -8.16
N ALA A 162 -16.35 -6.46 -8.11
CA ALA A 162 -17.20 -6.95 -9.20
C ALA A 162 -17.97 -5.87 -9.93
N ASP A 163 -17.90 -4.65 -9.48
CA ASP A 163 -18.70 -3.60 -10.08
C ASP A 163 -17.92 -2.29 -9.87
N ASP A 164 -17.11 -1.93 -10.88
CA ASP A 164 -16.33 -0.69 -10.85
C ASP A 164 -17.05 0.44 -11.59
N SER A 165 -18.39 0.39 -11.63
CA SER A 165 -19.13 1.36 -12.38
C SER A 165 -18.94 2.75 -11.77
N PRO A 166 -19.14 3.80 -12.55
CA PRO A 166 -19.19 5.15 -11.95
C PRO A 166 -19.97 5.19 -10.66
N GLU A 167 -21.23 4.71 -10.66
CA GLU A 167 -22.07 4.73 -9.47
C GLU A 167 -21.37 4.06 -8.28
N ALA A 168 -20.74 2.91 -8.52
CA ALA A 168 -20.09 2.17 -7.44
C ALA A 168 -18.86 2.93 -6.89
N VAL A 169 -18.08 3.56 -7.78
CA VAL A 169 -16.85 4.24 -7.34
C VAL A 169 -17.20 5.49 -6.56
N ILE A 170 -18.15 6.25 -7.08
CA ILE A 170 -18.72 7.37 -6.35
C ILE A 170 -19.16 6.96 -4.96
N ARG A 171 -19.99 5.90 -4.86
CA ARG A 171 -20.51 5.48 -3.56
C ARG A 171 -19.40 5.00 -2.64
N ALA A 172 -18.39 4.34 -3.20
CA ALA A 172 -17.26 3.98 -2.37
C ALA A 172 -16.56 5.24 -1.83
N ALA A 173 -16.19 6.17 -2.70
CA ALA A 173 -15.51 7.39 -2.24
C ALA A 173 -16.37 8.16 -1.26
N THR A 174 -17.66 8.30 -1.56
CA THR A 174 -18.58 8.99 -0.65
C THR A 174 -18.50 8.39 0.74
N VAL A 175 -18.64 7.06 0.84
CA VAL A 175 -18.67 6.46 2.16
C VAL A 175 -17.29 6.51 2.81
N TYR A 176 -16.25 6.08 2.09
CA TYR A 176 -14.89 6.06 2.66
C TYR A 176 -14.39 7.47 2.96
N ASN A 177 -14.25 8.29 1.93
CA ASN A 177 -13.49 9.53 2.07
C ASN A 177 -14.34 10.63 2.66
N MET A 178 -15.63 10.73 2.27
CA MET A 178 -16.45 11.90 2.59
C MET A 178 -17.18 11.77 3.92
N ILE A 179 -17.70 10.58 4.26
CA ILE A 179 -18.38 10.37 5.53
C ILE A 179 -17.43 9.88 6.61
N VAL A 180 -16.78 8.73 6.39
CA VAL A 180 -15.90 8.20 7.42
C VAL A 180 -14.77 9.18 7.71
N GLU A 181 -13.90 9.43 6.72
CA GLU A 181 -12.76 10.31 6.92
CA GLU A 181 -12.76 10.32 6.91
C GLU A 181 -13.19 11.76 7.09
N GLY A 182 -13.99 12.28 6.14
CA GLY A 182 -14.22 13.69 6.03
C GLY A 182 -15.23 14.26 6.98
N THR A 183 -16.13 13.42 7.50
CA THR A 183 -17.09 13.84 8.50
C THR A 183 -16.75 13.28 9.88
N LEU A 184 -16.69 11.95 10.01
CA LEU A 184 -16.56 11.35 11.33
C LEU A 184 -15.16 11.53 11.91
N ALA A 185 -14.12 11.18 11.15
CA ALA A 185 -12.77 11.25 11.68
C ALA A 185 -12.33 12.68 11.89
N GLU A 186 -12.56 13.55 10.90
CA GLU A 186 -12.22 14.97 11.05
C GLU A 186 -12.78 15.52 12.36
N SER A 187 -14.07 15.23 12.63
CA SER A 187 -14.74 15.73 13.82
C SER A 187 -14.21 15.05 15.07
N GLY A 188 -13.88 13.77 14.96
CA GLY A 188 -13.32 13.08 16.10
C GLY A 188 -11.97 13.62 16.51
N TYR A 189 -11.11 13.91 15.55
CA TYR A 189 -9.79 14.38 15.93
C TYR A 189 -9.85 15.83 16.37
N TYR A 190 -10.75 16.61 15.77
CA TYR A 190 -11.10 17.90 16.34
C TYR A 190 -11.60 17.74 17.77
N THR A 191 -12.55 16.83 17.98
CA THR A 191 -13.11 16.67 19.31
C THR A 191 -12.03 16.33 20.31
N PHE A 192 -11.12 15.44 19.94
CA PHE A 192 -10.15 14.92 20.89
C PHE A 192 -9.11 15.99 21.23
N ARG A 193 -8.63 16.73 20.23
CA ARG A 193 -7.70 17.82 20.48
C ARG A 193 -8.32 18.83 21.42
N GLN A 194 -9.59 19.20 21.20
CA GLN A 194 -10.24 20.20 22.03
C GLN A 194 -10.29 19.79 23.49
N ILE A 195 -10.68 18.56 23.77
CA ILE A 195 -10.90 18.15 25.16
C ILE A 195 -9.57 17.92 25.87
N TYR A 196 -8.64 17.22 25.22
CA TYR A 196 -7.45 16.78 25.92
C TYR A 196 -6.29 17.75 25.81
N LYS A 197 -6.16 18.50 24.72
CA LYS A 197 -5.19 19.59 24.73
C LYS A 197 -5.55 20.61 25.79
N LYS A 198 -6.85 20.81 26.05
CA LYS A 198 -7.28 21.75 27.09
C LYS A 198 -7.04 21.16 28.47
N ALA A 199 -7.24 19.86 28.63
CA ALA A 199 -6.88 19.23 29.90
C ALA A 199 -5.38 19.01 30.06
N GLY A 200 -4.58 19.21 29.02
CA GLY A 200 -3.15 18.96 29.12
C GLY A 200 -2.85 17.50 29.29
N LEU A 201 -3.63 16.65 28.63
CA LEU A 201 -3.51 15.21 28.77
C LEU A 201 -3.07 14.57 27.45
N PHE A 202 -2.29 13.49 27.57
CA PHE A 202 -1.99 12.58 26.49
C PHE A 202 -1.20 13.31 25.41
N PRO A 203 -0.04 13.88 25.75
CA PRO A 203 0.72 14.65 24.75
C PRO A 203 1.25 13.81 23.59
N GLY A 204 1.61 12.55 23.83
CA GLY A 204 2.07 11.70 22.73
C GLY A 204 0.92 11.37 21.78
N LEU A 205 -0.25 11.10 22.34
CA LEU A 205 -1.39 10.83 21.48
C LEU A 205 -1.75 12.06 20.66
N LEU A 206 -1.66 13.25 21.25
CA LEU A 206 -2.05 14.45 20.52
C LEU A 206 -1.08 14.71 19.39
N GLN A 207 0.19 14.43 19.62
CA GLN A 207 1.17 14.60 18.59
C GLN A 207 0.91 13.65 17.43
N GLY A 208 0.52 12.41 17.73
CA GLY A 208 0.21 11.47 16.66
C GLY A 208 -1.01 11.90 15.87
N ILE A 209 -1.98 12.51 16.57
CA ILE A 209 -3.17 12.99 15.89
C ILE A 209 -2.84 14.18 15.00
N ASP A 210 -1.95 15.09 15.43
CA ASP A 210 -1.50 16.12 14.50
C ASP A 210 -0.90 15.50 13.23
N TYR A 211 -0.02 14.52 13.38
CA TYR A 211 0.53 13.86 12.21
C TYR A 211 -0.59 13.26 11.38
N LEU A 212 -1.52 12.62 12.06
CA LEU A 212 -2.59 11.93 11.36
C LEU A 212 -3.41 12.92 10.56
N ASN A 213 -3.70 14.08 11.17
CA ASN A 213 -4.53 15.07 10.51
C ASN A 213 -3.88 15.61 9.26
N MET A 214 -2.55 15.65 9.21
CA MET A 214 -1.83 16.08 8.01
C MET A 214 -1.96 15.05 6.91
N ASP A 215 -1.62 13.80 7.21
CA ASP A 215 -1.92 12.70 6.30
C ASP A 215 -3.32 12.84 5.69
N GLU A 216 -4.29 13.07 6.57
CA GLU A 216 -5.65 12.87 6.13
C GLU A 216 -6.08 14.00 5.21
N GLY A 217 -5.46 15.18 5.33
CA GLY A 217 -5.65 16.21 4.33
C GLY A 217 -5.34 15.78 2.91
N ARG A 218 -4.35 14.92 2.72
CA ARG A 218 -4.13 14.42 1.37
C ARG A 218 -5.21 13.42 1.00
N HIS A 219 -5.62 12.61 1.96
CA HIS A 219 -6.60 11.57 1.68
C HIS A 219 -7.87 12.18 1.14
N ILE A 220 -8.32 13.27 1.75
CA ILE A 220 -9.61 13.82 1.34
C ILE A 220 -9.50 14.40 -0.06
N GLN A 221 -8.31 14.82 -0.46
CA GLN A 221 -8.19 15.39 -1.80
C GLN A 221 -8.32 14.29 -2.85
N PHE A 222 -7.85 13.09 -2.56
CA PHE A 222 -8.06 11.97 -3.47
C PHE A 222 -9.54 11.67 -3.62
N GLY A 223 -10.30 11.77 -2.52
CA GLY A 223 -11.71 11.47 -2.61
C GLY A 223 -12.50 12.55 -3.33
N ILE A 224 -12.12 13.81 -3.12
CA ILE A 224 -12.69 14.91 -3.89
C ILE A 224 -12.37 14.75 -5.36
N TYR A 225 -11.11 14.44 -5.68
CA TYR A 225 -10.75 14.28 -7.07
C TYR A 225 -11.57 13.16 -7.69
N THR A 226 -11.72 12.06 -6.96
CA THR A 226 -12.38 10.88 -7.52
C THR A 226 -13.85 11.17 -7.77
N ILE A 227 -14.51 11.76 -6.79
CA ILE A 227 -15.94 11.97 -6.93
C ILE A 227 -16.21 13.01 -7.99
N GLN A 228 -15.35 14.03 -8.09
CA GLN A 228 -15.64 15.12 -9.01
C GLN A 228 -15.34 14.73 -10.46
N ARG A 229 -14.31 13.90 -10.70
CA ARG A 229 -14.02 13.53 -12.08
C ARG A 229 -15.12 12.67 -12.66
N ILE A 230 -15.81 11.90 -11.80
CA ILE A 230 -16.93 11.09 -12.23
C ILE A 230 -18.17 11.95 -12.43
N VAL A 231 -18.42 12.84 -11.47
CA VAL A 231 -19.56 13.75 -11.58
C VAL A 231 -19.43 14.60 -12.83
N ASN A 232 -18.20 15.03 -13.15
CA ASN A 232 -17.92 15.83 -14.33
C ASN A 232 -18.42 15.18 -15.62
N GLU A 233 -18.40 13.84 -15.69
CA GLU A 233 -18.93 13.14 -16.87
C GLU A 233 -20.44 13.31 -17.03
N ASP A 234 -21.17 13.45 -15.92
CA ASP A 234 -22.63 13.33 -15.93
C ASP A 234 -23.21 13.85 -14.62
N GLU A 235 -24.01 14.90 -14.68
CA GLU A 235 -24.46 15.55 -13.45
C GLU A 235 -25.55 14.76 -12.77
N ARG A 236 -25.99 13.66 -13.36
CA ARG A 236 -26.79 12.69 -12.62
C ARG A 236 -26.04 12.15 -11.42
N TYR A 237 -24.70 12.15 -11.48
CA TYR A 237 -23.92 11.53 -10.42
C TYR A 237 -23.80 12.46 -9.23
N TYR A 238 -23.83 13.77 -9.47
CA TYR A 238 -23.92 14.72 -8.37
C TYR A 238 -25.12 14.44 -7.47
N GLU A 239 -26.29 14.15 -8.04
CA GLU A 239 -27.42 13.80 -7.18
C GLU A 239 -27.20 12.46 -6.46
N LEU A 240 -26.56 11.50 -7.12
CA LEU A 240 -26.24 10.24 -6.46
C LEU A 240 -25.40 10.50 -5.22
N PHE A 241 -24.37 11.35 -5.39
CA PHE A 241 -23.45 11.71 -4.32
C PHE A 241 -24.22 12.26 -3.14
N ILE A 242 -25.11 13.21 -3.40
CA ILE A 242 -25.81 13.89 -2.31
C ILE A 242 -26.68 12.91 -1.56
N ARG A 243 -27.31 11.99 -2.29
CA ARG A 243 -28.17 11.03 -1.67
C ARG A 243 -27.39 10.04 -0.83
N TYR A 244 -26.26 9.54 -1.36
CA TYR A 244 -25.42 8.65 -0.56
C TYR A 244 -24.94 9.34 0.68
N MET A 245 -24.74 10.66 0.65
CA MET A 245 -24.35 11.35 1.86
C MET A 245 -25.50 11.34 2.85
N ASP A 246 -26.70 11.74 2.40
CA ASP A 246 -27.85 11.83 3.30
C ASP A 246 -28.25 10.46 3.84
N GLU A 247 -28.16 9.42 3.02
CA GLU A 247 -28.36 8.05 3.51
C GLU A 247 -27.50 7.75 4.74
N LEU A 248 -26.29 8.24 4.78
CA LEU A 248 -25.42 7.87 5.90
C LEU A 248 -25.60 8.78 7.11
N TRP A 249 -26.21 9.95 6.92
CA TRP A 249 -26.28 10.93 7.99
C TRP A 249 -26.93 10.39 9.26
N PRO A 250 -28.08 9.70 9.20
CA PRO A 250 -28.70 9.23 10.45
C PRO A 250 -27.77 8.37 11.27
N HIS A 251 -26.81 7.69 10.66
CA HIS A 251 -25.91 6.89 11.47
C HIS A 251 -24.76 7.73 11.98
N VAL A 252 -24.30 8.70 11.18
CA VAL A 252 -23.32 9.64 11.70
C VAL A 252 -23.84 10.25 12.98
N ILE A 253 -25.04 10.84 12.91
CA ILE A 253 -25.54 11.62 14.03
C ILE A 253 -25.95 10.67 15.17
N GLY A 254 -26.51 9.51 14.84
CA GLY A 254 -26.81 8.55 15.90
C GLY A 254 -25.59 8.16 16.70
N TYR A 255 -24.43 8.02 16.05
CA TYR A 255 -23.23 7.71 16.82
C TYR A 255 -22.77 8.93 17.61
N VAL A 256 -22.94 10.11 17.05
CA VAL A 256 -22.61 11.33 17.78
C VAL A 256 -23.50 11.48 19.02
N ASP A 257 -24.82 11.31 18.87
CA ASP A 257 -25.70 11.32 20.03
C ASP A 257 -25.25 10.29 21.07
N TYR A 258 -24.85 9.10 20.62
CA TYR A 258 -24.47 8.04 21.57
C TYR A 258 -23.29 8.47 22.42
N LEU A 259 -22.26 9.04 21.79
CA LEU A 259 -21.07 9.47 22.52
C LEU A 259 -21.36 10.63 23.45
N THR A 260 -22.17 11.60 23.00
CA THR A 260 -22.43 12.76 23.85
C THR A 260 -23.18 12.30 25.08
N GLU A 261 -24.16 11.42 24.90
CA GLU A 261 -24.89 10.90 26.05
C GLU A 261 -23.95 10.11 26.98
N LEU A 262 -23.10 9.24 26.43
CA LEU A 262 -22.10 8.59 27.25
C LEU A 262 -21.37 9.61 28.11
N GLY A 263 -20.75 10.61 27.46
CA GLY A 263 -19.96 11.58 28.19
C GLY A 263 -20.72 12.20 29.34
N LYS A 264 -21.90 12.74 29.05
CA LYS A 264 -22.74 13.37 30.07
C LYS A 264 -23.08 12.41 31.20
N ILE A 277 -16.35 20.88 28.68
CA ILE A 277 -16.73 20.23 27.43
C ILE A 277 -18.08 20.78 26.95
N ASP A 278 -18.04 21.41 25.77
CA ASP A 278 -19.24 21.95 25.14
C ASP A 278 -19.71 20.94 24.09
N TYR A 279 -20.64 20.07 24.48
CA TYR A 279 -21.08 19.02 23.57
C TYR A 279 -21.77 19.58 22.34
N ASP A 280 -22.41 20.73 22.48
CA ASP A 280 -23.16 21.29 21.38
C ASP A 280 -22.24 21.98 20.38
N LEU A 281 -21.11 22.49 20.83
CA LEU A 281 -20.09 22.95 19.89
C LEU A 281 -19.63 21.78 19.04
N LEU A 282 -19.36 20.64 19.66
CA LEU A 282 -18.80 19.49 18.96
C LEU A 282 -19.79 18.94 17.97
N ARG A 283 -21.02 18.77 18.42
CA ARG A 283 -22.09 18.25 17.56
C ARG A 283 -22.31 19.16 16.36
N HIS A 284 -22.22 20.47 16.56
CA HIS A 284 -22.42 21.36 15.42
C HIS A 284 -21.22 21.31 14.48
N TYR A 285 -20.03 21.01 15.00
CA TYR A 285 -18.88 20.82 14.13
C TYR A 285 -19.08 19.62 13.19
N VAL A 286 -19.66 18.52 13.69
CA VAL A 286 -19.95 17.38 12.82
C VAL A 286 -20.86 17.82 11.68
N ILE A 287 -21.93 18.54 11.98
CA ILE A 287 -22.83 19.01 10.91
C ILE A 287 -22.07 19.90 9.95
N LYS A 288 -21.27 20.82 10.48
CA LYS A 288 -20.41 21.65 9.65
C LYS A 288 -19.55 20.81 8.72
N GLN A 289 -18.87 19.81 9.27
CA GLN A 289 -18.05 18.95 8.44
C GLN A 289 -18.88 18.28 7.35
N PHE A 290 -20.07 17.83 7.70
CA PHE A 290 -20.87 17.11 6.72
C PHE A 290 -21.33 18.03 5.60
N ASN A 291 -21.76 19.26 5.93
CA ASN A 291 -22.13 20.23 4.90
C ASN A 291 -20.93 20.67 4.08
N LEU A 292 -19.80 20.86 4.75
CA LEU A 292 -18.55 21.19 4.10
C LEU A 292 -18.22 20.22 2.96
N ARG A 293 -18.29 18.91 3.25
CA ARG A 293 -18.00 17.89 2.26
C ARG A 293 -18.96 17.97 1.10
N LYS A 294 -20.24 18.16 1.38
CA LYS A 294 -21.21 18.30 0.30
C LYS A 294 -20.77 19.40 -0.63
N LYS A 295 -20.34 20.53 -0.08
CA LYS A 295 -20.01 21.71 -0.86
C LYS A 295 -18.66 21.62 -1.55
N GLN A 296 -17.88 20.55 -1.32
CA GLN A 296 -16.62 20.38 -2.02
C GLN A 296 -16.79 19.66 -3.34
N ILE A 297 -17.98 19.17 -3.61
CA ILE A 297 -18.35 18.61 -4.89
C ILE A 297 -19.33 19.59 -5.53
N SER A 298 -19.12 19.94 -6.79
CA SER A 298 -20.02 20.85 -7.48
C SER A 298 -20.69 20.13 -8.63
N ARG A 299 -21.98 20.46 -8.81
CA ARG A 299 -22.81 19.86 -9.85
C ARG A 299 -22.13 19.90 -11.20
N THR A 300 -21.30 20.92 -11.42
CA THR A 300 -20.53 21.01 -12.64
C THR A 300 -19.05 21.24 -12.36
N HIS B 17 -18.28 -8.05 5.60
CA HIS B 17 -18.50 -7.42 6.91
C HIS B 17 -17.39 -7.71 7.93
N HIS B 18 -17.12 -6.75 8.80
CA HIS B 18 -16.12 -6.92 9.85
C HIS B 18 -16.80 -7.57 11.05
N ASP B 19 -16.25 -8.70 11.51
CA ASP B 19 -16.75 -9.30 12.75
C ASP B 19 -16.43 -8.41 13.92
N GLY B 20 -15.17 -8.04 14.05
CA GLY B 20 -14.75 -6.96 14.92
C GLY B 20 -13.39 -6.54 14.44
N PHE B 21 -12.58 -6.01 15.34
CA PHE B 21 -11.31 -5.40 15.00
C PHE B 21 -10.26 -5.72 16.05
N GLN B 22 -9.11 -6.22 15.58
CA GLN B 22 -8.08 -6.69 16.50
C GLN B 22 -7.61 -5.61 17.47
N THR B 23 -7.61 -4.33 17.06
CA THR B 23 -7.02 -3.28 17.91
C THR B 23 -8.04 -2.62 18.83
N VAL B 24 -9.26 -3.12 18.81
CA VAL B 24 -10.25 -2.81 19.80
C VAL B 24 -10.42 -3.97 20.79
N LYS B 25 -10.35 -5.19 20.30
CA LYS B 25 -10.39 -6.35 21.18
C LYS B 25 -9.05 -6.54 21.89
N ALA B 26 -7.94 -6.32 21.21
CA ALA B 26 -6.62 -6.57 21.77
C ALA B 26 -5.64 -5.50 21.27
N THR B 27 -4.46 -5.89 20.82
CA THR B 27 -3.57 -4.97 20.15
C THR B 27 -3.01 -5.65 18.91
N ILE B 28 -2.23 -4.88 18.16
CA ILE B 28 -1.27 -5.45 17.25
C ILE B 28 -0.42 -6.47 18.02
N ASP B 29 -0.13 -7.59 17.37
CA ASP B 29 0.83 -8.52 17.95
C ASP B 29 2.23 -7.98 17.71
N TRP B 30 2.78 -7.36 18.74
CA TRP B 30 4.03 -6.64 18.60
C TRP B 30 5.19 -7.55 18.30
N GLU B 31 5.05 -8.84 18.59
CA GLU B 31 6.15 -9.76 18.37
C GLU B 31 6.06 -10.43 17.01
N HIS B 32 4.99 -10.19 16.26
CA HIS B 32 4.81 -10.90 15.00
C HIS B 32 5.98 -10.61 14.06
N PRO B 33 6.56 -11.63 13.41
CA PRO B 33 7.68 -11.38 12.51
C PRO B 33 7.36 -10.39 11.40
N MET B 34 6.17 -10.42 10.81
CA MET B 34 5.85 -9.40 9.80
C MET B 34 5.63 -8.02 10.43
N PHE B 35 5.24 -7.93 11.70
CA PHE B 35 5.19 -6.59 12.29
C PHE B 35 6.57 -6.03 12.51
N LYS B 36 7.51 -6.91 12.92
CA LYS B 36 8.93 -6.59 13.02
C LYS B 36 9.51 -6.20 11.67
N LEU B 37 9.07 -6.86 10.58
CA LEU B 37 9.53 -6.47 9.26
C LEU B 37 8.94 -5.13 8.85
N TYR B 38 7.68 -4.91 9.21
CA TYR B 38 7.09 -3.61 8.97
C TYR B 38 7.88 -2.50 9.66
N GLU B 39 8.37 -2.73 10.88
CA GLU B 39 9.09 -1.68 11.60
C GLU B 39 10.39 -1.38 10.91
N LYS B 40 11.05 -2.42 10.40
CA LYS B 40 12.32 -2.25 9.73
C LYS B 40 12.14 -1.56 8.38
N ALA B 41 10.97 -1.77 7.77
CA ALA B 41 10.62 -1.10 6.52
C ALA B 41 10.51 0.42 6.68
N LYS B 42 9.76 0.87 7.69
CA LYS B 42 9.64 2.30 7.93
C LYS B 42 10.98 2.91 8.29
N ARG B 43 11.77 2.20 9.11
CA ARG B 43 13.15 2.60 9.41
C ARG B 43 14.01 2.74 8.15
N ASN B 44 14.05 1.70 7.30
CA ASN B 44 15.04 1.60 6.23
C ASN B 44 14.49 1.97 4.85
N GLY B 45 13.22 2.37 4.76
CA GLY B 45 12.64 2.75 3.49
C GLY B 45 12.24 4.20 3.35
N LYS B 46 13.19 5.14 3.48
CA LYS B 46 12.92 6.57 3.35
C LYS B 46 13.39 7.15 2.01
N TRP B 47 14.07 6.37 1.16
CA TRP B 47 14.59 6.95 -0.06
C TRP B 47 13.47 7.40 -0.96
N ASN B 48 13.79 8.36 -1.79
CA ASN B 48 12.79 8.99 -2.62
C ASN B 48 13.33 9.11 -4.03
N PRO B 49 12.74 8.39 -4.98
CA PRO B 49 13.28 8.40 -6.34
C PRO B 49 13.44 9.79 -6.87
N ALA B 50 12.56 10.69 -6.42
CA ALA B 50 12.50 12.05 -6.91
C ALA B 50 13.78 12.82 -6.60
N ASP B 51 14.51 12.38 -5.57
CA ASP B 51 15.72 13.03 -5.07
C ASP B 51 16.97 12.56 -5.78
N ILE B 52 16.86 11.57 -6.66
CA ILE B 52 18.02 11.07 -7.39
C ILE B 52 18.36 12.06 -8.49
N ASP B 53 19.64 12.45 -8.53
CA ASP B 53 20.22 13.25 -9.59
C ASP B 53 20.50 12.37 -10.81
N PHE B 54 19.84 12.64 -11.92
CA PHE B 54 20.04 11.85 -13.13
C PHE B 54 20.80 12.61 -14.19
N SER B 55 21.38 13.77 -13.86
CA SER B 55 21.93 14.62 -14.92
C SER B 55 23.13 13.96 -15.59
N GLN B 56 23.97 13.25 -14.83
CA GLN B 56 25.09 12.54 -15.44
C GLN B 56 24.63 11.34 -16.30
N ASP B 57 23.56 10.65 -15.88
CA ASP B 57 22.97 9.56 -16.69
C ASP B 57 22.50 10.09 -18.02
N GLN B 58 21.89 11.28 -18.01
CA GLN B 58 21.53 11.98 -19.23
C GLN B 58 22.75 12.18 -20.13
N LYS B 59 23.82 12.77 -19.59
CA LYS B 59 25.05 12.94 -20.37
C LYS B 59 25.61 11.60 -20.83
N ASP B 60 25.71 10.62 -19.92
CA ASP B 60 26.28 9.32 -20.29
C ASP B 60 25.51 8.71 -21.45
N PHE B 61 24.18 8.72 -21.36
CA PHE B 61 23.37 8.08 -22.39
C PHE B 61 23.48 8.82 -23.72
N ALA B 62 23.53 10.15 -23.69
CA ALA B 62 23.72 10.96 -24.90
C ALA B 62 25.07 10.68 -25.58
N SER B 63 26.15 10.56 -24.80
CA SER B 63 27.45 10.35 -25.41
C SER B 63 27.65 8.91 -25.87
N LEU B 64 26.80 7.98 -25.44
CA LEU B 64 26.78 6.68 -26.06
C LEU B 64 26.46 6.82 -27.55
N THR B 65 27.06 5.94 -28.34
CA THR B 65 26.65 5.83 -29.72
C THR B 65 25.31 5.13 -29.75
N SER B 66 24.66 5.17 -30.91
CA SER B 66 23.40 4.47 -31.07
C SER B 66 23.52 2.98 -30.76
N GLU B 67 24.66 2.35 -31.06
CA GLU B 67 24.83 0.93 -30.79
C GLU B 67 25.04 0.66 -29.30
N GLU B 68 25.88 1.47 -28.64
CA GLU B 68 26.03 1.36 -27.19
C GLU B 68 24.76 1.75 -26.45
N LYS B 69 23.87 2.50 -27.10
CA LYS B 69 22.58 2.83 -26.50
C LYS B 69 21.68 1.59 -26.41
N ILE B 70 21.52 0.87 -27.52
CA ILE B 70 20.60 -0.27 -27.50
C ILE B 70 20.94 -1.20 -26.34
N SER B 71 22.24 -1.42 -26.09
CA SER B 71 22.70 -2.37 -25.08
C SER B 71 21.99 -2.24 -23.73
N ALA B 72 21.58 -1.02 -23.36
CA ALA B 72 21.03 -0.78 -22.05
C ALA B 72 19.53 -1.06 -21.97
N LEU B 73 18.85 -0.96 -23.10
CA LEU B 73 17.40 -0.83 -23.13
C LEU B 73 16.67 -2.12 -22.74
N PRO B 74 17.16 -3.31 -23.15
CA PRO B 74 16.45 -4.55 -22.78
C PRO B 74 16.32 -4.77 -21.29
N LEU B 75 17.42 -4.68 -20.55
CA LEU B 75 17.34 -4.77 -19.10
C LEU B 75 16.33 -3.77 -18.54
N VAL B 76 16.44 -2.51 -18.99
CA VAL B 76 15.54 -1.46 -18.55
C VAL B 76 14.10 -1.79 -18.91
N ALA B 77 13.89 -2.33 -20.10
CA ALA B 77 12.54 -2.75 -20.50
C ALA B 77 11.98 -3.79 -19.53
N GLY B 78 12.78 -4.79 -19.15
CA GLY B 78 12.31 -5.79 -18.19
C GLY B 78 12.05 -5.23 -16.79
N PHE B 79 12.83 -4.24 -16.35
CA PHE B 79 12.65 -3.72 -15.00
C PHE B 79 11.38 -2.90 -14.93
N SER B 80 11.14 -2.09 -15.94
CA SER B 80 10.10 -1.10 -15.86
C SER B 80 8.75 -1.79 -15.89
N ALA B 81 8.57 -2.72 -16.82
CA ALA B 81 7.36 -3.55 -16.78
C ALA B 81 7.32 -4.43 -15.54
N GLY B 82 8.44 -5.04 -15.18
CA GLY B 82 8.42 -5.90 -14.01
C GLY B 82 7.94 -5.16 -12.77
N GLU B 83 8.47 -3.96 -12.52
CA GLU B 83 8.11 -3.24 -11.31
C GLU B 83 6.67 -2.77 -11.37
N GLU B 84 6.23 -2.33 -12.54
CA GLU B 84 4.84 -1.93 -12.67
C GLU B 84 3.93 -3.12 -12.40
N ALA B 85 4.28 -4.27 -12.96
CA ALA B 85 3.54 -5.49 -12.68
C ALA B 85 3.57 -5.80 -11.19
N LEU B 86 4.76 -5.73 -10.58
CA LEU B 86 4.87 -5.97 -9.14
C LEU B 86 3.94 -5.04 -8.35
N THR B 87 3.84 -3.77 -8.78
CA THR B 87 3.02 -2.83 -8.02
C THR B 87 1.54 -3.20 -8.10
N LEU B 88 1.05 -3.49 -9.30
CA LEU B 88 -0.35 -3.88 -9.46
C LEU B 88 -0.65 -5.20 -8.76
N ASP B 89 0.28 -6.16 -8.81
CA ASP B 89 -0.10 -7.56 -8.61
C ASP B 89 0.09 -8.03 -7.19
N ILE B 90 0.58 -7.17 -6.31
CA ILE B 90 0.63 -7.48 -4.90
C ILE B 90 -0.72 -7.21 -4.23
N LEU B 91 -1.60 -6.41 -4.84
CA LEU B 91 -2.87 -6.12 -4.18
C LEU B 91 -3.72 -7.33 -3.84
N PRO B 92 -3.82 -8.37 -4.69
CA PRO B 92 -4.61 -9.56 -4.28
C PRO B 92 -4.04 -10.27 -3.05
N MET B 93 -2.73 -10.30 -2.93
CA MET B 93 -2.14 -10.95 -1.77
C MET B 93 -2.46 -10.14 -0.51
N ALA B 94 -2.33 -8.83 -0.60
CA ALA B 94 -2.71 -8.00 0.54
C ALA B 94 -4.15 -8.23 0.89
N HIS B 95 -5.02 -8.37 -0.14
CA HIS B 95 -6.43 -8.58 0.12
C HIS B 95 -6.68 -9.89 0.81
N ALA B 96 -6.06 -10.96 0.32
CA ALA B 96 -6.30 -12.27 0.87
C ALA B 96 -5.81 -12.38 2.31
N LEU B 97 -4.67 -11.76 2.62
CA LEU B 97 -4.20 -11.84 3.98
C LEU B 97 -5.08 -11.01 4.90
N ALA B 98 -5.57 -9.87 4.41
CA ALA B 98 -6.47 -9.09 5.24
C ALA B 98 -7.72 -9.88 5.57
N ARG B 99 -8.27 -10.55 4.57
CA ARG B 99 -9.49 -11.31 4.77
C ARG B 99 -9.27 -12.45 5.77
N GLN B 100 -8.07 -13.00 5.83
CA GLN B 100 -7.75 -13.98 6.85
C GLN B 100 -7.42 -13.34 8.19
N GLY B 101 -7.54 -12.02 8.29
CA GLY B 101 -7.30 -11.34 9.55
C GLY B 101 -5.86 -11.30 10.01
N ARG B 102 -4.90 -11.50 9.09
CA ARG B 102 -3.47 -11.39 9.40
C ARG B 102 -3.05 -9.91 9.30
N LEU B 103 -3.38 -9.16 10.35
CA LEU B 103 -3.27 -7.71 10.27
C LEU B 103 -1.81 -7.27 10.18
N GLU B 104 -0.90 -7.96 10.88
CA GLU B 104 0.48 -7.52 10.83
C GLU B 104 1.05 -7.74 9.44
N ASP B 105 0.63 -8.80 8.76
CA ASP B 105 0.99 -8.98 7.36
C ASP B 105 0.52 -7.81 6.49
N VAL B 106 -0.70 -7.35 6.72
CA VAL B 106 -1.22 -6.27 5.92
C VAL B 106 -0.41 -4.99 6.17
N LEU B 107 -0.14 -4.68 7.44
CA LEU B 107 0.66 -3.49 7.73
C LEU B 107 1.92 -3.52 6.91
N PHE B 108 2.69 -4.59 7.07
CA PHE B 108 3.93 -4.74 6.33
C PHE B 108 3.73 -4.55 4.84
N LEU B 109 2.69 -5.22 4.30
CA LEU B 109 2.46 -5.18 2.88
C LEU B 109 2.12 -3.77 2.38
N THR B 110 1.69 -2.84 3.25
CA THR B 110 1.62 -1.47 2.76
C THR B 110 3.01 -0.98 2.41
N THR B 111 4.03 -1.44 3.12
CA THR B 111 5.37 -0.88 2.87
C THR B 111 5.96 -1.53 1.64
N PHE B 112 5.60 -2.79 1.46
CA PHE B 112 5.93 -3.50 0.24
C PHE B 112 5.34 -2.79 -0.98
N MET B 113 4.05 -2.48 -0.94
CA MET B 113 3.40 -1.90 -2.10
CA MET B 113 3.43 -1.91 -2.12
C MET B 113 3.96 -0.51 -2.38
N HIS B 114 4.21 0.25 -1.34
CA HIS B 114 4.73 1.57 -1.62
C HIS B 114 6.18 1.50 -2.05
N ASP B 115 6.93 0.46 -1.62
CA ASP B 115 8.25 0.28 -2.19
C ASP B 115 8.14 0.03 -3.68
N GLU B 116 7.25 -0.88 -4.10
CA GLU B 116 7.23 -1.19 -5.52
C GLU B 116 6.84 0.04 -6.29
N ALA B 117 6.01 0.87 -5.71
CA ALA B 117 5.62 2.08 -6.39
C ALA B 117 6.85 2.93 -6.66
N LYS B 118 7.68 3.13 -5.64
CA LYS B 118 8.96 3.81 -5.86
C LYS B 118 9.82 3.10 -6.89
N HIS B 119 9.81 1.78 -6.93
CA HIS B 119 10.60 1.13 -7.98
C HIS B 119 10.12 1.52 -9.36
N VAL B 120 8.80 1.40 -9.62
CA VAL B 120 8.28 1.81 -10.92
C VAL B 120 8.66 3.25 -11.21
N GLU B 121 8.44 4.15 -10.22
CA GLU B 121 8.79 5.58 -10.37
C GLU B 121 10.24 5.78 -10.79
N MET B 122 11.16 5.05 -10.17
CA MET B 122 12.57 5.35 -10.39
C MET B 122 12.94 5.02 -11.82
N PHE B 123 12.52 3.83 -12.28
CA PHE B 123 12.84 3.43 -13.64
C PHE B 123 12.20 4.34 -14.66
N SER B 124 11.01 4.87 -14.38
CA SER B 124 10.38 5.75 -15.36
C SER B 124 11.06 7.12 -15.37
N ARG B 125 11.42 7.63 -14.20
CA ARG B 125 12.18 8.88 -14.15
C ARG B 125 13.48 8.74 -14.90
N TRP B 126 14.16 7.60 -14.74
CA TRP B 126 15.39 7.40 -15.50
C TRP B 126 15.13 7.52 -17.01
N GLN B 127 14.14 6.77 -17.52
CA GLN B 127 13.77 6.85 -18.93
C GLN B 127 13.50 8.28 -19.36
N GLN B 128 12.73 9.01 -18.54
CA GLN B 128 12.41 10.39 -18.88
C GLN B 128 13.68 11.23 -18.98
N ALA B 129 14.53 11.11 -17.96
CA ALA B 129 15.74 11.93 -17.89
C ALA B 129 16.66 11.68 -19.08
N VAL B 130 16.90 10.42 -19.44
CA VAL B 130 17.86 10.12 -20.50
C VAL B 130 17.26 10.30 -21.90
N GLY B 131 15.94 10.37 -22.03
CA GLY B 131 15.32 10.79 -23.26
C GLY B 131 14.75 9.68 -24.08
N ILE B 132 14.27 8.62 -23.44
CA ILE B 132 13.66 7.49 -24.12
C ILE B 132 12.24 7.23 -23.67
N GLY B 133 11.66 8.16 -22.91
CA GLY B 133 10.30 7.97 -22.45
C GLY B 133 9.32 7.75 -23.59
N GLN B 134 9.52 8.48 -24.70
CA GLN B 134 8.69 8.37 -25.89
C GLN B 134 8.91 7.06 -26.66
N MET B 135 9.90 6.29 -26.30
CA MET B 135 10.27 5.10 -27.00
C MET B 135 9.54 3.92 -26.35
N ASP B 136 8.94 3.06 -27.17
CA ASP B 136 8.21 1.90 -26.70
C ASP B 136 9.17 0.73 -26.55
N LEU B 137 9.41 0.31 -25.32
CA LEU B 137 10.40 -0.70 -25.03
C LEU B 137 9.81 -2.11 -24.96
N SER B 138 8.52 -2.26 -25.33
CA SER B 138 7.82 -3.55 -25.37
C SER B 138 8.51 -4.53 -26.30
N VAL B 139 9.26 -4.02 -27.26
CA VAL B 139 9.93 -4.86 -28.24
C VAL B 139 11.06 -5.69 -27.64
N PHE B 140 11.48 -5.45 -26.39
CA PHE B 140 12.46 -6.31 -25.74
C PHE B 140 11.83 -7.28 -24.73
N HIS B 141 10.52 -7.51 -24.84
CA HIS B 141 9.80 -8.51 -24.06
C HIS B 141 9.51 -9.70 -24.98
N ASN B 142 10.32 -10.76 -24.90
CA ASN B 142 10.08 -11.91 -25.75
C ASN B 142 8.94 -12.77 -25.17
N ASP B 143 8.68 -13.92 -25.82
CA ASP B 143 7.54 -14.73 -25.38
C ASP B 143 7.70 -15.17 -23.91
N HIS B 144 8.92 -15.55 -23.51
CA HIS B 144 9.08 -16.09 -22.16
C HIS B 144 8.84 -15.02 -21.12
N TYR B 145 9.34 -13.80 -21.37
CA TYR B 145 9.02 -12.69 -20.49
C TYR B 145 7.52 -12.48 -20.42
N LYS B 146 6.85 -12.46 -21.56
CA LYS B 146 5.41 -12.28 -21.55
C LYS B 146 4.75 -13.37 -20.73
N ARG B 147 5.24 -14.59 -20.82
CA ARG B 147 4.57 -15.67 -20.09
C ARG B 147 4.70 -15.47 -18.59
N ILE B 148 5.82 -14.92 -18.13
CA ILE B 148 5.95 -14.72 -16.71
C ILE B 148 5.16 -13.48 -16.28
N PHE B 149 5.41 -12.33 -16.93
CA PHE B 149 5.00 -11.04 -16.40
C PHE B 149 3.67 -10.57 -16.91
N TYR B 150 3.31 -10.91 -18.15
CA TYR B 150 2.02 -10.53 -18.69
C TYR B 150 0.93 -11.50 -18.31
N GLU B 151 1.31 -12.74 -17.98
CA GLU B 151 0.35 -13.83 -17.79
C GLU B 151 0.51 -14.55 -16.45
N ALA B 152 1.62 -15.29 -16.22
CA ALA B 152 1.68 -16.14 -15.03
C ALA B 152 1.66 -15.36 -13.73
N LEU B 153 2.24 -14.16 -13.71
CA LEU B 153 2.25 -13.41 -12.45
C LEU B 153 0.86 -12.94 -12.09
N PRO B 154 0.17 -12.15 -12.90
CA PRO B 154 -1.17 -11.69 -12.49
C PRO B 154 -2.18 -12.82 -12.37
N GLU B 155 -2.00 -13.93 -13.10
CA GLU B 155 -2.93 -15.05 -12.96
C GLU B 155 -2.83 -15.69 -11.58
N ALA B 156 -1.61 -16.07 -11.17
CA ALA B 156 -1.40 -16.59 -9.82
C ALA B 156 -1.90 -15.64 -8.72
N MET B 157 -1.73 -14.34 -8.91
CA MET B 157 -2.10 -13.38 -7.86
C MET B 157 -3.60 -13.17 -7.84
N ASN B 158 -4.20 -13.01 -9.00
CA ASN B 158 -5.63 -12.70 -9.05
C ASN B 158 -6.46 -13.88 -8.61
N ARG B 159 -5.88 -15.08 -8.70
CA ARG B 159 -6.48 -16.29 -8.16
C ARG B 159 -6.89 -16.10 -6.70
N LEU B 160 -6.05 -15.41 -5.94
CA LEU B 160 -6.32 -15.26 -4.50
C LEU B 160 -7.68 -14.63 -4.22
N TYR B 161 -8.27 -13.96 -5.20
CA TYR B 161 -9.55 -13.27 -4.90
C TYR B 161 -10.67 -14.26 -4.72
N ALA B 162 -10.53 -15.45 -5.28
CA ALA B 162 -11.56 -16.47 -5.13
C ALA B 162 -11.04 -17.75 -4.51
N ASP B 163 -9.75 -17.95 -4.41
CA ASP B 163 -9.16 -19.19 -3.90
C ASP B 163 -7.94 -18.78 -3.09
N ASP B 164 -8.11 -18.71 -1.77
CA ASP B 164 -7.04 -18.36 -0.85
C ASP B 164 -6.57 -19.58 -0.08
N SER B 165 -6.77 -20.78 -0.64
CA SER B 165 -6.23 -22.01 -0.06
C SER B 165 -4.72 -21.95 0.09
N PRO B 166 -4.15 -22.72 1.04
CA PRO B 166 -2.69 -22.79 1.15
C PRO B 166 -2.01 -22.93 -0.20
N GLU B 167 -2.58 -23.80 -1.05
CA GLU B 167 -1.96 -24.10 -2.34
C GLU B 167 -1.96 -22.87 -3.25
N ALA B 168 -3.04 -22.11 -3.25
CA ALA B 168 -3.02 -20.91 -4.06
C ALA B 168 -2.02 -19.87 -3.49
N VAL B 169 -1.87 -19.79 -2.16
CA VAL B 169 -1.02 -18.77 -1.56
C VAL B 169 0.44 -19.11 -1.79
N ILE B 170 0.77 -20.38 -1.61
CA ILE B 170 2.13 -20.83 -1.88
C ILE B 170 2.51 -20.54 -3.33
N ARG B 171 1.57 -20.78 -4.26
CA ARG B 171 1.85 -20.51 -5.67
C ARG B 171 2.00 -19.02 -5.96
N ALA B 172 1.19 -18.17 -5.31
CA ALA B 172 1.34 -16.72 -5.52
C ALA B 172 2.71 -16.25 -5.02
N ALA B 173 3.08 -16.64 -3.79
CA ALA B 173 4.37 -16.25 -3.21
C ALA B 173 5.53 -16.79 -4.00
N THR B 174 5.38 -17.99 -4.55
CA THR B 174 6.45 -18.61 -5.33
C THR B 174 6.68 -17.84 -6.60
N VAL B 175 5.63 -17.58 -7.38
CA VAL B 175 5.80 -16.81 -8.60
C VAL B 175 6.32 -15.41 -8.27
N TYR B 176 5.68 -14.73 -7.32
CA TYR B 176 5.91 -13.30 -7.10
C TYR B 176 7.26 -13.07 -6.41
N ASN B 177 7.45 -13.66 -5.22
CA ASN B 177 8.61 -13.35 -4.39
C ASN B 177 9.82 -14.23 -4.73
N MET B 178 9.60 -15.47 -5.11
CA MET B 178 10.74 -16.36 -5.21
C MET B 178 11.32 -16.38 -6.62
N ILE B 179 10.44 -16.36 -7.64
CA ILE B 179 10.87 -16.34 -9.03
C ILE B 179 11.05 -14.93 -9.56
N VAL B 180 10.02 -14.10 -9.50
CA VAL B 180 10.17 -12.80 -10.16
C VAL B 180 11.15 -11.94 -9.38
N GLU B 181 10.89 -11.74 -8.08
CA GLU B 181 11.78 -10.91 -7.28
CA GLU B 181 11.78 -10.92 -7.26
C GLU B 181 13.07 -11.66 -6.94
N GLY B 182 12.93 -12.87 -6.41
CA GLY B 182 14.05 -13.57 -5.83
C GLY B 182 14.98 -14.21 -6.83
N THR B 183 14.54 -14.46 -8.06
CA THR B 183 15.44 -15.05 -9.04
C THR B 183 15.75 -14.08 -10.16
N LEU B 184 14.71 -13.55 -10.83
CA LEU B 184 14.92 -12.70 -11.99
C LEU B 184 15.46 -11.33 -11.58
N ALA B 185 14.79 -10.67 -10.65
CA ALA B 185 15.13 -9.29 -10.36
C ALA B 185 16.46 -9.19 -9.62
N GLU B 186 16.68 -10.08 -8.65
CA GLU B 186 17.99 -10.14 -7.99
C GLU B 186 19.09 -10.29 -9.03
N SER B 187 18.90 -11.17 -10.01
CA SER B 187 19.92 -11.38 -11.03
C SER B 187 20.13 -10.18 -11.92
N GLY B 188 19.07 -9.42 -12.24
CA GLY B 188 19.21 -8.29 -13.14
C GLY B 188 19.86 -7.09 -12.48
N TYR B 189 19.60 -6.91 -11.19
CA TYR B 189 20.32 -5.88 -10.46
C TYR B 189 21.79 -6.25 -10.31
N TYR B 190 22.10 -7.51 -10.01
CA TYR B 190 23.50 -7.93 -10.02
C TYR B 190 24.13 -7.61 -11.36
N THR B 191 23.46 -8.02 -12.44
CA THR B 191 23.94 -7.78 -13.79
C THR B 191 24.13 -6.30 -14.07
N PHE B 192 23.19 -5.46 -13.67
CA PHE B 192 23.32 -4.04 -13.98
C PHE B 192 24.57 -3.48 -13.34
N ARG B 193 24.79 -3.82 -12.07
CA ARG B 193 26.03 -3.45 -11.40
C ARG B 193 27.25 -3.97 -12.16
N GLN B 194 27.31 -5.28 -12.37
CA GLN B 194 28.45 -5.87 -13.05
C GLN B 194 28.89 -4.99 -14.19
N ILE B 195 27.94 -4.61 -15.03
CA ILE B 195 28.29 -4.05 -16.32
C ILE B 195 28.59 -2.56 -16.19
N TYR B 196 27.69 -1.82 -15.54
CA TYR B 196 27.74 -0.37 -15.58
C TYR B 196 28.52 0.27 -14.46
N LYS B 197 28.53 -0.31 -13.25
CA LYS B 197 29.36 0.25 -12.20
C LYS B 197 30.84 0.17 -12.61
N LYS B 198 31.21 -0.90 -13.30
CA LYS B 198 32.59 -1.08 -13.72
C LYS B 198 32.96 -0.11 -14.82
N ALA B 199 32.05 0.10 -15.76
CA ALA B 199 32.24 1.11 -16.80
C ALA B 199 32.04 2.52 -16.27
N GLY B 200 31.65 2.71 -15.02
CA GLY B 200 31.46 4.05 -14.49
C GLY B 200 30.32 4.84 -15.14
N LEU B 201 29.22 4.18 -15.48
CA LEU B 201 28.10 4.79 -16.15
C LEU B 201 26.86 4.70 -15.27
N PHE B 202 26.00 5.70 -15.43
CA PHE B 202 24.63 5.73 -14.94
C PHE B 202 24.63 5.65 -13.44
N PRO B 203 25.33 6.59 -12.78
CA PRO B 203 25.36 6.59 -11.31
C PRO B 203 23.99 6.81 -10.68
N GLY B 204 23.14 7.65 -11.26
CA GLY B 204 21.84 7.85 -10.68
C GLY B 204 20.99 6.59 -10.76
N LEU B 205 21.07 5.91 -11.88
CA LEU B 205 20.39 4.64 -11.96
C LEU B 205 20.96 3.64 -10.96
N LEU B 206 22.29 3.64 -10.77
CA LEU B 206 22.91 2.68 -9.87
C LEU B 206 22.59 3.01 -8.41
N GLN B 207 22.57 4.29 -8.07
CA GLN B 207 22.07 4.63 -6.75
C GLN B 207 20.67 4.06 -6.54
N GLY B 208 19.84 4.10 -7.59
CA GLY B 208 18.45 3.71 -7.44
C GLY B 208 18.30 2.20 -7.35
N ILE B 209 19.03 1.46 -8.19
CA ILE B 209 19.10 0.02 -8.02
C ILE B 209 19.51 -0.31 -6.59
N ASP B 210 20.52 0.39 -6.09
CA ASP B 210 21.01 0.13 -4.75
C ASP B 210 19.89 0.25 -3.74
N TYR B 211 19.16 1.37 -3.76
CA TYR B 211 18.04 1.50 -2.85
C TYR B 211 17.04 0.37 -3.05
N LEU B 212 16.74 0.08 -4.31
CA LEU B 212 15.75 -0.91 -4.61
C LEU B 212 16.19 -2.26 -4.08
N ASN B 213 17.48 -2.54 -4.18
CA ASN B 213 17.92 -3.85 -3.78
C ASN B 213 17.78 -4.05 -2.28
N MET B 214 17.99 -2.98 -1.50
CA MET B 214 17.75 -3.02 -0.06
C MET B 214 16.27 -3.23 0.27
N ASP B 215 15.38 -2.47 -0.36
CA ASP B 215 13.96 -2.75 -0.23
C ASP B 215 13.67 -4.23 -0.45
N GLU B 216 14.12 -4.76 -1.58
CA GLU B 216 13.76 -6.13 -1.99
C GLU B 216 14.27 -7.19 -1.04
N GLY B 217 15.31 -6.92 -0.27
CA GLY B 217 15.66 -7.85 0.81
C GLY B 217 14.51 -8.08 1.78
N ARG B 218 13.73 -7.03 2.08
CA ARG B 218 12.55 -7.25 2.91
C ARG B 218 11.49 -8.03 2.16
N HIS B 219 11.30 -7.75 0.89
CA HIS B 219 10.19 -8.34 0.16
C HIS B 219 10.31 -9.85 0.13
N ILE B 220 11.54 -10.32 -0.04
CA ILE B 220 11.82 -11.73 -0.11
C ILE B 220 11.59 -12.41 1.23
N GLN B 221 11.87 -11.70 2.34
CA GLN B 221 11.65 -12.31 3.64
C GLN B 221 10.16 -12.53 3.89
N PHE B 222 9.32 -11.61 3.42
CA PHE B 222 7.88 -11.86 3.45
C PHE B 222 7.53 -13.11 2.63
N GLY B 223 8.17 -13.26 1.47
CA GLY B 223 7.84 -14.42 0.65
C GLY B 223 8.27 -15.73 1.30
N ILE B 224 9.43 -15.72 1.95
CA ILE B 224 9.94 -16.91 2.63
C ILE B 224 9.06 -17.22 3.85
N TYR B 225 8.76 -16.22 4.65
CA TYR B 225 7.88 -16.37 5.79
C TYR B 225 6.52 -16.96 5.38
N THR B 226 5.97 -16.47 4.27
CA THR B 226 4.64 -16.91 3.81
C THR B 226 4.68 -18.37 3.35
N ILE B 227 5.57 -18.69 2.42
CA ILE B 227 5.73 -20.10 2.01
C ILE B 227 6.04 -20.97 3.22
N GLN B 228 6.90 -20.53 4.12
CA GLN B 228 7.33 -21.46 5.15
C GLN B 228 6.21 -21.70 6.17
N ARG B 229 5.42 -20.69 6.48
CA ARG B 229 4.37 -20.93 7.48
C ARG B 229 3.28 -21.83 6.92
N ILE B 230 3.12 -21.85 5.59
CA ILE B 230 2.21 -22.79 4.95
C ILE B 230 2.81 -24.19 4.90
N VAL B 231 4.12 -24.30 4.63
CA VAL B 231 4.84 -25.57 4.67
C VAL B 231 4.80 -26.17 6.07
N ASN B 232 4.99 -25.33 7.08
CA ASN B 232 5.01 -25.81 8.46
C ASN B 232 3.73 -26.58 8.81
N GLU B 233 2.60 -26.14 8.28
CA GLU B 233 1.33 -26.79 8.59
C GLU B 233 1.16 -28.14 7.92
N ASP B 234 1.85 -28.37 6.79
CA ASP B 234 1.77 -29.67 6.12
C ASP B 234 2.92 -29.77 5.13
N GLU B 235 3.89 -30.63 5.43
CA GLU B 235 5.06 -30.83 4.59
C GLU B 235 4.72 -31.26 3.17
N ARG B 236 3.47 -31.57 2.86
CA ARG B 236 3.17 -31.93 1.49
C ARG B 236 3.29 -30.73 0.57
N TYR B 237 3.05 -29.53 1.10
CA TYR B 237 3.19 -28.29 0.34
C TYR B 237 4.64 -27.97 -0.04
N TYR B 238 5.63 -28.48 0.67
CA TYR B 238 7.01 -28.33 0.21
C TYR B 238 7.17 -28.86 -1.21
N GLU B 239 6.57 -30.00 -1.51
CA GLU B 239 6.71 -30.50 -2.87
C GLU B 239 5.97 -29.61 -3.86
N LEU B 240 4.86 -29.00 -3.45
CA LEU B 240 4.20 -28.07 -4.37
C LEU B 240 5.13 -26.91 -4.72
N PHE B 241 5.77 -26.34 -3.70
CA PHE B 241 6.73 -25.25 -3.87
C PHE B 241 7.82 -25.60 -4.86
N ILE B 242 8.55 -26.70 -4.60
CA ILE B 242 9.62 -27.12 -5.52
C ILE B 242 9.08 -27.27 -6.92
N ARG B 243 7.90 -27.90 -7.04
CA ARG B 243 7.31 -28.11 -8.35
C ARG B 243 7.00 -26.80 -9.06
N TYR B 244 6.31 -25.87 -8.39
CA TYR B 244 5.99 -24.63 -9.08
C TYR B 244 7.26 -23.87 -9.45
N MET B 245 8.27 -23.90 -8.57
CA MET B 245 9.55 -23.28 -8.90
C MET B 245 10.07 -23.85 -10.22
N ASP B 246 10.06 -25.17 -10.34
CA ASP B 246 10.59 -25.79 -11.56
C ASP B 246 9.74 -25.47 -12.77
N GLU B 247 8.43 -25.33 -12.59
CA GLU B 247 7.53 -25.04 -13.71
C GLU B 247 7.85 -23.71 -14.38
N LEU B 248 8.38 -22.76 -13.62
CA LEU B 248 8.68 -21.45 -14.18
C LEU B 248 10.10 -21.32 -14.71
N TRP B 249 11.00 -22.24 -14.30
CA TRP B 249 12.38 -22.15 -14.76
C TRP B 249 12.51 -22.01 -16.27
N PRO B 250 11.83 -22.81 -17.09
CA PRO B 250 12.05 -22.69 -18.54
C PRO B 250 11.86 -21.27 -19.04
N HIS B 251 10.96 -20.50 -18.44
CA HIS B 251 10.75 -19.14 -18.89
C HIS B 251 11.75 -18.20 -18.31
N VAL B 252 12.21 -18.50 -17.11
CA VAL B 252 13.33 -17.79 -16.51
C VAL B 252 14.53 -17.87 -17.44
N ILE B 253 14.95 -19.10 -17.74
CA ILE B 253 16.14 -19.22 -18.55
C ILE B 253 15.87 -18.86 -19.99
N GLY B 254 14.62 -18.97 -20.44
CA GLY B 254 14.29 -18.53 -21.77
C GLY B 254 14.39 -17.01 -21.92
N TYR B 255 14.01 -16.28 -20.87
CA TYR B 255 14.24 -14.83 -20.89
C TYR B 255 15.74 -14.54 -20.83
N VAL B 256 16.47 -15.23 -19.97
CA VAL B 256 17.92 -15.07 -19.89
C VAL B 256 18.57 -15.37 -21.25
N ASP B 257 18.21 -16.49 -21.87
CA ASP B 257 18.85 -16.84 -23.14
C ASP B 257 18.59 -15.77 -24.19
N TYR B 258 17.38 -15.25 -24.25
CA TYR B 258 17.07 -14.13 -25.16
C TYR B 258 17.91 -12.89 -24.85
N LEU B 259 18.07 -12.54 -23.58
CA LEU B 259 18.82 -11.32 -23.31
C LEU B 259 20.28 -11.50 -23.75
N THR B 260 20.84 -12.67 -23.48
CA THR B 260 22.20 -13.01 -23.87
C THR B 260 22.39 -12.91 -25.38
N GLU B 261 21.48 -13.52 -26.16
CA GLU B 261 21.60 -13.44 -27.61
C GLU B 261 21.45 -12.01 -28.13
N LEU B 262 20.88 -11.11 -27.34
CA LEU B 262 20.81 -9.72 -27.76
C LEU B 262 22.11 -8.97 -27.44
N GLY B 263 22.56 -9.05 -26.18
CA GLY B 263 23.81 -8.43 -25.82
C GLY B 263 24.97 -8.94 -26.65
N LYS B 264 24.93 -10.22 -27.02
CA LYS B 264 25.93 -10.81 -27.90
C LYS B 264 25.77 -10.31 -29.34
N ARG B 265 25.04 -9.20 -29.55
CA ARG B 265 24.89 -8.63 -30.89
C ARG B 265 24.96 -7.11 -30.83
N ILE B 277 31.92 -8.52 -20.31
CA ILE B 277 30.58 -9.02 -20.01
C ILE B 277 30.57 -10.55 -20.09
N ASP B 278 30.78 -11.21 -18.96
CA ASP B 278 30.76 -12.68 -18.95
C ASP B 278 29.31 -13.12 -18.81
N TYR B 279 28.68 -13.37 -19.94
CA TYR B 279 27.33 -13.93 -19.93
C TYR B 279 27.28 -15.24 -19.17
N ASP B 280 28.34 -16.04 -19.24
CA ASP B 280 28.28 -17.36 -18.61
C ASP B 280 28.36 -17.30 -17.09
N LEU B 281 28.92 -16.22 -16.48
CA LEU B 281 28.85 -16.02 -15.03
C LEU B 281 27.58 -15.28 -14.59
N LEU B 282 26.88 -14.63 -15.53
CA LEU B 282 25.55 -14.13 -15.24
C LEU B 282 24.54 -15.27 -15.26
N ARG B 283 24.63 -16.10 -16.29
CA ARG B 283 23.77 -17.28 -16.37
C ARG B 283 23.94 -18.13 -15.11
N HIS B 284 25.17 -18.29 -14.61
CA HIS B 284 25.38 -19.08 -13.39
C HIS B 284 24.76 -18.41 -12.16
N TYR B 285 24.78 -17.08 -12.13
CA TYR B 285 24.16 -16.36 -11.02
C TYR B 285 22.64 -16.57 -11.03
N VAL B 286 22.00 -16.54 -12.21
CA VAL B 286 20.56 -16.79 -12.27
C VAL B 286 20.27 -18.19 -11.74
N ILE B 287 21.13 -19.14 -12.08
CA ILE B 287 20.91 -20.52 -11.62
C ILE B 287 21.14 -20.63 -10.11
N LYS B 288 22.22 -20.05 -9.65
CA LYS B 288 22.50 -19.97 -8.23
C LYS B 288 21.36 -19.29 -7.48
N GLN B 289 20.88 -18.14 -7.96
CA GLN B 289 19.76 -17.50 -7.27
C GLN B 289 18.59 -18.48 -7.17
N PHE B 290 18.25 -19.12 -8.28
CA PHE B 290 17.13 -20.07 -8.31
C PHE B 290 17.29 -21.18 -7.25
N ASN B 291 18.49 -21.77 -7.16
CA ASN B 291 18.71 -22.86 -6.22
C ASN B 291 18.86 -22.37 -4.77
N LEU B 292 19.36 -21.14 -4.60
CA LEU B 292 19.41 -20.48 -3.31
C LEU B 292 18.02 -20.23 -2.73
N ARG B 293 17.07 -19.80 -3.56
CA ARG B 293 15.70 -19.63 -3.09
C ARG B 293 15.09 -20.95 -2.66
N LYS B 294 15.34 -21.99 -3.44
CA LYS B 294 14.81 -23.31 -3.10
C LYS B 294 15.22 -23.74 -1.71
N LYS B 295 16.51 -23.56 -1.37
CA LYS B 295 17.09 -23.98 -0.09
C LYS B 295 16.72 -23.06 1.06
N GLN B 296 16.00 -21.97 0.81
CA GLN B 296 15.55 -21.10 1.89
C GLN B 296 14.22 -21.51 2.48
N ILE B 297 13.52 -22.44 1.81
CA ILE B 297 12.35 -23.12 2.35
C ILE B 297 12.78 -24.53 2.75
N SER B 298 12.50 -24.94 3.99
CA SER B 298 12.76 -26.31 4.43
C SER B 298 11.47 -27.12 4.57
N ARG B 299 11.61 -28.43 4.40
CA ARG B 299 10.45 -29.32 4.53
C ARG B 299 9.86 -29.26 5.93
N THR B 300 10.69 -29.03 6.94
CA THR B 300 10.22 -28.86 8.32
C THR B 300 10.22 -27.40 8.78
#